data_6OOP
#
_entry.id   6OOP
#
_cell.length_a   95.068
_cell.length_b   63.149
_cell.length_c   102.074
_cell.angle_alpha   90.00
_cell.angle_beta   100.87
_cell.angle_gamma   90.00
#
_symmetry.space_group_name_H-M   'C 1 2 1'
#
loop_
_entity.id
_entity.type
_entity.pdbx_description
1 polymer 'Multidrug transporter MdfA'
2 non-polymer "1,1'-dimethyl-4,4'-bipyridin-1-ium"
3 non-polymer 'PRASEODYMIUM ION'
4 water water
#
_entity_poly.entity_id   1
_entity_poly.type   'polypeptide(L)'
_entity_poly.pdbx_seq_one_letter_code
;ARLGRQALLFPLCLVLYEFSTYIGNDMIQPGMLAVVEQYQAGIDWVPTSMTAYLAGGMFLQWLLGPLSDRIGRRPVMLAG
VVWFIVTCLAILLAQNIEQFTLLRFLQGISLCFIGAVGYAAIQESFEEAVCIKITALMANVALIAPLLGPLVGAAWIHVL
PWEGMFVLFAALAAISFFGLQRAMPETATRIGEKLSLKELGRDYKLVLKNGRFVAGALALGFVSLPLLAWTAQSPIIIIT
GEQLSSYEYGLLQVPIFGALIAGNLLLARLTSRRTVRSLIIMGGWPIMIGLLVAAAATVISSHAYLWMTAGLSIYAFGIG
LANAGLVRLTLFASDMSKGTVSAAMEMLQMLIFTVGIEISKHAWLNGGNGLFNLFNLVNGILWLSLMVIFLK
;
_entity_poly.pdbx_strand_id   A
#
loop_
_chem_comp.id
_chem_comp.type
_chem_comp.name
_chem_comp.formula
KHJ non-polymer 1,1'-dimethyl-4,4'-bipyridin-1-ium 'C12 H14 N2 2'
PR non-polymer 'PRASEODYMIUM ION' 'Pr 3'
#
# COMPACT_ATOMS: atom_id res chain seq x y z
N ALA A 1 15.89 18.12 27.44
CA ALA A 1 16.86 17.00 27.52
C ALA A 1 16.33 15.73 26.82
N ARG A 2 16.62 15.63 25.52
CA ARG A 2 16.14 14.50 24.71
C ARG A 2 17.27 13.80 23.95
N LEU A 3 17.60 12.58 24.39
CA LEU A 3 18.61 11.76 23.72
C LEU A 3 18.36 10.25 23.89
N GLY A 4 17.89 9.87 25.08
CA GLY A 4 17.51 8.49 25.34
C GLY A 4 16.15 8.19 24.73
N ARG A 5 15.21 9.10 24.95
CA ARG A 5 13.85 8.98 24.42
C ARG A 5 13.79 9.31 22.92
N GLN A 6 14.85 9.94 22.43
CA GLN A 6 14.99 10.27 21.00
C GLN A 6 15.09 9.00 20.15
N ALA A 7 15.81 8.01 20.67
CA ALA A 7 15.99 6.72 19.99
C ALA A 7 14.68 5.95 19.83
N LEU A 8 13.66 6.34 20.59
CA LEU A 8 12.36 5.68 20.53
C LEU A 8 11.28 6.55 19.88
N LEU A 9 11.37 7.87 20.07
CA LEU A 9 10.39 8.80 19.54
C LEU A 9 10.49 8.97 18.03
N PHE A 10 11.71 8.96 17.50
CA PHE A 10 11.93 9.11 16.06
C PHE A 10 11.27 8.01 15.21
N PRO A 11 11.51 6.71 15.54
CA PRO A 11 10.82 5.65 14.81
C PRO A 11 9.31 5.62 15.06
N LEU A 12 8.91 6.02 16.25
CA LEU A 12 7.48 6.03 16.64
C LEU A 12 6.67 7.03 15.83
N CYS A 13 7.23 8.22 15.62
CA CYS A 13 6.54 9.27 14.86
C CYS A 13 6.53 8.98 13.36
N LEU A 14 7.59 8.35 12.87
CA LEU A 14 7.62 7.90 11.48
C LEU A 14 6.57 6.81 11.24
N VAL A 15 6.40 5.94 12.23
CA VAL A 15 5.36 4.91 12.21
C VAL A 15 3.97 5.54 12.34
N LEU A 16 3.86 6.59 13.14
CA LEU A 16 2.61 7.34 13.25
C LEU A 16 2.25 8.02 11.93
N TYR A 17 3.27 8.53 11.24
CA TYR A 17 3.10 9.13 9.92
C TYR A 17 2.72 8.05 8.89
N GLU A 18 3.45 6.94 8.90
CA GLU A 18 3.16 5.79 8.05
C GLU A 18 1.72 5.31 8.26
N PHE A 19 1.30 5.22 9.51
CA PHE A 19 -0.05 4.79 9.85
C PHE A 19 -1.13 5.74 9.32
N SER A 20 -0.93 7.04 9.47
CA SER A 20 -1.92 8.02 9.03
C SER A 20 -1.99 8.21 7.51
N THR A 21 -0.87 7.99 6.81
CA THR A 21 -0.89 7.95 5.34
C THR A 21 -1.60 6.69 4.85
N TYR A 22 -1.53 5.62 5.64
CA TYR A 22 -2.16 4.34 5.30
C TYR A 22 -3.67 4.36 5.51
N ILE A 23 -4.12 4.75 6.71
CA ILE A 23 -5.56 4.92 6.96
C ILE A 23 -6.13 6.08 6.15
N GLY A 24 -5.24 7.00 5.74
CA GLY A 24 -5.57 8.06 4.79
C GLY A 24 -6.13 7.49 3.49
N ASN A 25 -5.88 6.20 3.25
CA ASN A 25 -6.50 5.45 2.17
C ASN A 25 -7.58 4.51 2.71
N ASP A 26 -7.22 3.74 3.75
CA ASP A 26 -8.07 2.65 4.24
C ASP A 26 -9.35 3.08 4.98
N MET A 27 -9.30 4.21 5.68
CA MET A 27 -10.50 4.80 6.28
C MET A 27 -11.38 5.49 5.23
N ILE A 28 -10.76 5.98 4.17
CA ILE A 28 -11.44 6.79 3.17
C ILE A 28 -12.35 6.01 2.22
N GLN A 29 -11.94 4.79 1.86
CA GLN A 29 -12.71 3.95 0.93
C GLN A 29 -14.15 3.67 1.38
N PRO A 30 -14.36 3.24 2.65
CA PRO A 30 -15.74 3.09 3.10
C PRO A 30 -16.50 4.41 3.11
N GLY A 31 -15.85 5.48 3.59
CA GLY A 31 -16.45 6.82 3.61
C GLY A 31 -16.64 7.44 2.24
N MET A 32 -16.11 6.76 1.22
CA MET A 32 -16.17 7.23 -0.16
C MET A 32 -17.58 7.20 -0.75
N LEU A 33 -18.45 6.39 -0.16
CA LEU A 33 -19.86 6.34 -0.55
C LEU A 33 -20.59 7.61 -0.12
N ALA A 34 -20.20 8.14 1.04
CA ALA A 34 -20.70 9.42 1.51
C ALA A 34 -20.21 10.56 0.62
N VAL A 35 -18.92 10.50 0.26
CA VAL A 35 -18.30 11.52 -0.60
C VAL A 35 -19.00 11.60 -1.96
N VAL A 36 -19.16 10.45 -2.60
CA VAL A 36 -19.82 10.34 -3.91
C VAL A 36 -21.24 10.90 -3.86
N GLU A 37 -21.96 10.57 -2.80
CA GLU A 37 -23.35 10.99 -2.62
C GLU A 37 -23.47 12.49 -2.32
N GLN A 38 -22.45 13.05 -1.66
CA GLN A 38 -22.42 14.47 -1.30
C GLN A 38 -21.98 15.38 -2.47
N TYR A 39 -21.22 14.80 -3.41
CA TYR A 39 -20.85 15.50 -4.63
C TYR A 39 -21.79 15.15 -5.77
N GLN A 40 -22.60 14.11 -5.57
CA GLN A 40 -23.45 13.52 -6.61
C GLN A 40 -22.58 13.13 -7.82
N ALA A 41 -21.75 12.11 -7.61
CA ALA A 41 -20.66 11.81 -8.54
C ALA A 41 -20.83 10.51 -9.33
N GLY A 42 -21.39 9.49 -8.68
CA GLY A 42 -21.49 8.16 -9.29
C GLY A 42 -20.41 7.22 -8.76
N ILE A 43 -20.82 5.99 -8.46
CA ILE A 43 -19.97 5.01 -7.78
C ILE A 43 -18.63 4.70 -8.45
N ASP A 44 -18.55 4.94 -9.76
CA ASP A 44 -17.31 4.72 -10.51
C ASP A 44 -16.13 5.58 -10.03
N TRP A 45 -16.45 6.62 -9.27
CA TRP A 45 -15.42 7.48 -8.66
C TRP A 45 -14.94 6.95 -7.30
N VAL A 46 -15.56 5.89 -6.79
CA VAL A 46 -15.16 5.28 -5.50
C VAL A 46 -13.76 4.61 -5.57
N PRO A 47 -13.53 3.70 -6.54
CA PRO A 47 -12.19 3.11 -6.60
C PRO A 47 -11.13 4.13 -7.04
N THR A 48 -11.53 5.10 -7.85
CA THR A 48 -10.62 6.09 -8.43
C THR A 48 -9.94 6.96 -7.37
N SER A 49 -10.54 7.04 -6.19
CA SER A 49 -9.95 7.70 -5.03
C SER A 49 -8.63 7.03 -4.70
N MET A 50 -8.67 5.70 -4.58
CA MET A 50 -7.49 4.89 -4.32
C MET A 50 -6.51 4.91 -5.50
N THR A 51 -7.03 4.78 -6.71
CA THR A 51 -6.22 4.87 -7.92
C THR A 51 -5.35 6.13 -7.89
N ALA A 52 -5.95 7.27 -7.59
CA ALA A 52 -5.24 8.54 -7.59
C ALA A 52 -4.27 8.63 -6.42
N TYR A 53 -4.69 8.10 -5.27
CA TYR A 53 -3.87 8.10 -4.06
C TYR A 53 -2.59 7.29 -4.27
N LEU A 54 -2.73 6.11 -4.88
CA LEU A 54 -1.60 5.27 -5.20
C LEU A 54 -0.74 5.85 -6.34
N ALA A 55 -1.40 6.52 -7.29
CA ALA A 55 -0.70 7.17 -8.41
C ALA A 55 0.23 8.26 -7.91
N GLY A 56 -0.21 8.98 -6.87
CA GLY A 56 0.64 9.95 -6.19
C GLY A 56 1.75 9.28 -5.42
N GLY A 57 1.47 8.09 -4.91
CA GLY A 57 2.43 7.32 -4.12
C GLY A 57 3.66 6.85 -4.88
N MET A 58 3.59 6.87 -6.21
CA MET A 58 4.70 6.45 -7.07
C MET A 58 5.32 7.63 -7.82
N PHE A 59 4.87 8.84 -7.51
CA PHE A 59 5.24 10.04 -8.25
C PHE A 59 6.67 10.56 -7.99
N LEU A 60 7.13 10.46 -6.74
CA LEU A 60 8.41 11.09 -6.37
C LEU A 60 9.50 10.24 -5.68
N GLN A 61 9.30 8.91 -5.54
CA GLN A 61 10.32 8.05 -4.92
C GLN A 61 11.71 8.22 -5.54
N TRP A 62 11.77 8.19 -6.87
CA TRP A 62 13.02 8.29 -7.61
C TRP A 62 13.84 9.54 -7.25
N LEU A 63 13.13 10.65 -6.97
CA LEU A 63 13.76 11.93 -6.72
C LEU A 63 14.10 12.11 -5.25
N LEU A 64 13.12 11.84 -4.38
CA LEU A 64 13.20 12.19 -2.95
C LEU A 64 14.38 11.59 -2.19
N GLY A 65 14.73 10.34 -2.52
CA GLY A 65 15.87 9.65 -1.91
C GLY A 65 17.19 10.37 -2.13
N PRO A 66 17.66 10.47 -3.39
CA PRO A 66 18.89 11.21 -3.68
C PRO A 66 18.81 12.72 -3.42
N LEU A 67 17.62 13.31 -3.49
CA LEU A 67 17.45 14.74 -3.16
C LEU A 67 17.68 15.01 -1.68
N SER A 68 17.05 14.21 -0.82
CA SER A 68 17.22 14.31 0.64
C SER A 68 18.65 13.96 1.04
N ASP A 69 19.30 13.13 0.22
CA ASP A 69 20.71 12.81 0.39
C ASP A 69 21.57 14.05 0.15
N ARG A 70 21.13 14.92 -0.76
CA ARG A 70 21.86 16.15 -1.09
C ARG A 70 21.51 17.33 -0.18
N ILE A 71 20.24 17.49 0.18
CA ILE A 71 19.81 18.69 0.91
C ILE A 71 19.38 18.45 2.36
N GLY A 72 19.31 17.19 2.78
CA GLY A 72 18.97 16.84 4.16
C GLY A 72 17.75 15.95 4.29
N ARG A 73 17.86 14.92 5.13
CA ARG A 73 16.76 14.00 5.40
C ARG A 73 15.69 14.63 6.29
N ARG A 74 16.10 15.55 7.17
CA ARG A 74 15.17 16.29 8.01
C ARG A 74 14.25 17.24 7.23
N PRO A 75 14.82 18.24 6.52
CA PRO A 75 13.96 19.21 5.82
C PRO A 75 13.07 18.60 4.73
N VAL A 76 13.52 17.50 4.12
CA VAL A 76 12.72 16.82 3.08
C VAL A 76 11.60 15.99 3.70
N MET A 77 11.91 15.29 4.79
CA MET A 77 10.89 14.49 5.48
C MET A 77 9.80 15.36 6.11
N LEU A 78 10.23 16.44 6.77
CA LEU A 78 9.31 17.38 7.41
C LEU A 78 8.41 18.09 6.38
N ALA A 79 8.94 18.33 5.18
CA ALA A 79 8.17 18.91 4.08
C ALA A 79 7.07 17.96 3.61
N GLY A 80 7.36 16.66 3.63
CA GLY A 80 6.38 15.64 3.26
C GLY A 80 5.25 15.54 4.24
N VAL A 81 5.57 15.77 5.52
CA VAL A 81 4.59 15.70 6.59
C VAL A 81 3.67 16.92 6.52
N VAL A 82 4.27 18.10 6.33
CA VAL A 82 3.54 19.35 6.12
C VAL A 82 2.61 19.23 4.91
N TRP A 83 3.15 18.75 3.79
CA TRP A 83 2.40 18.53 2.55
C TRP A 83 1.14 17.71 2.78
N PHE A 84 1.29 16.57 3.46
CA PHE A 84 0.17 15.70 3.79
C PHE A 84 -0.89 16.44 4.60
N ILE A 85 -0.45 17.16 5.64
CA ILE A 85 -1.34 17.98 6.47
C ILE A 85 -2.10 19.01 5.63
N VAL A 86 -1.36 19.79 4.84
CA VAL A 86 -1.95 20.86 4.00
C VAL A 86 -2.92 20.31 2.95
N THR A 87 -2.51 19.24 2.27
CA THR A 87 -3.36 18.60 1.25
C THR A 87 -4.57 17.88 1.84
N CYS A 88 -4.43 17.36 3.06
CA CYS A 88 -5.56 16.77 3.81
C CYS A 88 -6.61 17.83 4.17
N LEU A 89 -6.15 19.03 4.48
CA LEU A 89 -7.05 20.14 4.82
C LEU A 89 -7.61 20.80 3.56
N ALA A 90 -6.83 20.81 2.50
CA ALA A 90 -7.25 21.44 1.24
C ALA A 90 -8.38 20.72 0.53
N ILE A 91 -8.55 19.42 0.82
CA ILE A 91 -9.59 18.60 0.18
C ILE A 91 -11.01 18.96 0.65
N LEU A 92 -11.10 19.65 1.79
CA LEU A 92 -12.39 20.10 2.32
C LEU A 92 -12.98 21.22 1.45
N LEU A 93 -12.12 21.86 0.64
CA LEU A 93 -12.53 22.97 -0.21
C LEU A 93 -12.87 22.53 -1.63
N ALA A 94 -12.73 21.23 -1.91
CA ALA A 94 -13.00 20.68 -3.23
C ALA A 94 -14.47 20.83 -3.59
N GLN A 95 -14.72 21.29 -4.82
CA GLN A 95 -16.08 21.64 -5.25
C GLN A 95 -16.75 20.57 -6.11
N ASN A 96 -15.94 19.72 -6.74
CA ASN A 96 -16.45 18.54 -7.42
C ASN A 96 -15.58 17.31 -7.14
N ILE A 97 -15.98 16.17 -7.68
CA ILE A 97 -15.24 14.92 -7.46
C ILE A 97 -13.89 14.89 -8.18
N GLU A 98 -13.77 15.66 -9.28
CA GLU A 98 -12.51 15.79 -10.01
C GLU A 98 -11.44 16.45 -9.13
N GLN A 99 -11.82 17.55 -8.49
CA GLN A 99 -10.94 18.28 -7.57
C GLN A 99 -10.58 17.43 -6.35
N PHE A 100 -11.59 16.72 -5.83
CA PHE A 100 -11.41 15.76 -4.74
C PHE A 100 -10.37 14.72 -5.14
N THR A 101 -10.56 14.12 -6.32
CA THR A 101 -9.66 13.12 -6.87
C THR A 101 -8.26 13.66 -7.10
N LEU A 102 -8.16 14.92 -7.55
CA LEU A 102 -6.88 15.57 -7.82
C LEU A 102 -6.08 15.81 -6.54
N LEU A 103 -6.76 16.25 -5.49
CA LEU A 103 -6.13 16.43 -4.18
C LEU A 103 -5.80 15.07 -3.55
N ARG A 104 -6.65 14.09 -3.84
CA ARG A 104 -6.42 12.70 -3.48
C ARG A 104 -5.10 12.20 -4.07
N PHE A 105 -4.79 12.65 -5.29
CA PHE A 105 -3.50 12.38 -5.93
C PHE A 105 -2.36 13.12 -5.22
N LEU A 106 -2.57 14.40 -4.94
CA LEU A 106 -1.58 15.21 -4.23
C LEU A 106 -1.29 14.67 -2.83
N GLN A 107 -2.33 14.20 -2.14
CA GLN A 107 -2.20 13.57 -0.83
C GLN A 107 -1.39 12.26 -0.91
N GLY A 108 -1.50 11.57 -2.04
CA GLY A 108 -0.80 10.32 -2.26
C GLY A 108 0.72 10.43 -2.30
N ILE A 109 1.22 11.58 -2.76
CA ILE A 109 2.65 11.88 -2.81
C ILE A 109 3.31 11.73 -1.43
N SER A 110 2.49 11.81 -0.38
CA SER A 110 2.97 11.68 1.00
C SER A 110 3.56 10.31 1.32
N LEU A 111 3.12 9.29 0.56
CA LEU A 111 3.61 7.92 0.73
C LEU A 111 5.08 7.77 0.32
N CYS A 112 5.49 8.57 -0.66
CA CYS A 112 6.85 8.50 -1.23
C CYS A 112 7.93 8.81 -0.19
N PHE A 113 7.59 9.65 0.77
CA PHE A 113 8.53 10.07 1.81
C PHE A 113 8.83 8.97 2.84
N ILE A 114 7.93 8.00 2.98
CA ILE A 114 8.06 6.94 4.00
C ILE A 114 9.32 6.09 3.79
N GLY A 115 9.41 5.42 2.65
CA GLY A 115 10.54 4.55 2.36
C GLY A 115 11.78 5.28 1.86
N ALA A 116 11.58 6.18 0.91
CA ALA A 116 12.70 6.83 0.20
C ALA A 116 13.54 7.78 1.04
N VAL A 117 12.96 8.29 2.13
CA VAL A 117 13.69 9.19 3.04
C VAL A 117 13.50 8.81 4.52
N GLY A 118 12.27 8.47 4.90
CA GLY A 118 11.98 8.08 6.28
C GLY A 118 12.73 6.83 6.69
N TYR A 119 12.50 5.74 5.96
CA TYR A 119 13.14 4.46 6.24
C TYR A 119 14.65 4.49 5.98
N ALA A 120 15.07 5.33 5.04
CA ALA A 120 16.49 5.55 4.77
C ALA A 120 17.21 6.06 6.01
N ALA A 121 16.53 6.93 6.77
CA ALA A 121 17.06 7.46 8.02
C ALA A 121 17.12 6.39 9.12
N ILE A 122 16.14 5.47 9.12
CA ILE A 122 16.15 4.33 10.05
C ILE A 122 17.34 3.39 9.76
N GLN A 123 17.66 3.25 8.47
CA GLN A 123 18.77 2.44 8.01
C GLN A 123 20.10 3.09 8.39
N GLU A 124 20.17 4.42 8.24
CA GLU A 124 21.38 5.19 8.50
C GLU A 124 21.61 5.50 9.99
N SER A 125 20.58 5.30 10.82
CA SER A 125 20.63 5.69 12.23
C SER A 125 20.87 4.56 13.22
N PHE A 126 20.19 3.44 13.01
CA PHE A 126 20.18 2.35 13.99
C PHE A 126 21.05 1.16 13.60
N GLU A 127 21.47 0.40 14.60
CA GLU A 127 22.18 -0.86 14.40
C GLU A 127 21.28 -1.85 13.66
N GLU A 128 21.90 -2.78 12.93
CA GLU A 128 21.18 -3.81 12.17
C GLU A 128 20.15 -4.56 13.01
N ALA A 129 20.48 -4.84 14.27
CA ALA A 129 19.58 -5.55 15.18
C ALA A 129 18.33 -4.73 15.54
N VAL A 130 18.53 -3.45 15.83
CA VAL A 130 17.43 -2.55 16.19
C VAL A 130 16.61 -2.16 14.94
N CYS A 131 17.31 -2.05 13.81
CA CYS A 131 16.68 -1.72 12.53
C CYS A 131 15.65 -2.78 12.10
N ILE A 132 15.96 -4.04 12.38
CA ILE A 132 15.05 -5.17 12.14
C ILE A 132 13.76 -5.04 12.97
N LYS A 133 13.93 -4.66 14.23
CA LYS A 133 12.79 -4.46 15.13
C LYS A 133 11.86 -3.35 14.62
N ILE A 134 12.46 -2.24 14.18
CA ILE A 134 11.70 -1.09 13.65
C ILE A 134 10.98 -1.46 12.35
N THR A 135 11.68 -2.16 11.46
CA THR A 135 11.10 -2.65 10.20
C THR A 135 9.90 -3.56 10.47
N ALA A 136 10.02 -4.41 11.49
CA ALA A 136 8.94 -5.32 11.90
C ALA A 136 7.69 -4.57 12.37
N LEU A 137 7.90 -3.50 13.14
CA LEU A 137 6.81 -2.65 13.62
C LEU A 137 6.12 -1.94 12.45
N MET A 138 6.93 -1.50 11.48
CA MET A 138 6.43 -0.90 10.25
C MET A 138 5.58 -1.89 9.46
N ALA A 139 5.97 -3.16 9.47
CA ALA A 139 5.22 -4.22 8.81
C ALA A 139 3.93 -4.54 9.55
N ASN A 140 3.95 -4.48 10.88
CA ASN A 140 2.77 -4.71 11.70
C ASN A 140 1.71 -3.63 11.54
N VAL A 141 2.17 -2.40 11.30
CA VAL A 141 1.29 -1.26 11.06
C VAL A 141 0.67 -1.36 9.67
N ALA A 142 1.46 -1.87 8.72
CA ALA A 142 1.00 -2.10 7.35
C ALA A 142 -0.04 -3.22 7.26
N LEU A 143 -0.07 -4.09 8.26
CA LEU A 143 -1.08 -5.16 8.35
C LEU A 143 -2.37 -4.71 9.05
N ILE A 144 -2.21 -3.86 10.08
CA ILE A 144 -3.35 -3.39 10.88
C ILE A 144 -4.22 -2.34 10.15
N ALA A 145 -3.57 -1.41 9.46
CA ALA A 145 -4.26 -0.33 8.74
C ALA A 145 -5.38 -0.75 7.78
N PRO A 146 -5.14 -1.77 6.91
CA PRO A 146 -6.23 -2.20 6.02
C PRO A 146 -7.31 -3.06 6.69
N LEU A 147 -7.20 -3.29 8.00
CA LEU A 147 -8.26 -3.95 8.76
C LEU A 147 -8.98 -2.94 9.66
N LEU A 148 -8.20 -2.16 10.40
CA LEU A 148 -8.73 -1.09 11.24
C LEU A 148 -9.48 -0.08 10.36
N GLY A 149 -8.77 0.49 9.40
CA GLY A 149 -9.31 1.47 8.45
C GLY A 149 -10.75 1.29 8.00
N PRO A 150 -11.06 0.18 7.31
CA PRO A 150 -12.44 -0.05 6.85
C PRO A 150 -13.45 -0.17 8.00
N LEU A 151 -13.06 -0.81 9.09
CA LEU A 151 -13.94 -0.95 10.26
C LEU A 151 -14.25 0.39 10.91
N VAL A 152 -13.21 1.19 11.13
CA VAL A 152 -13.35 2.51 11.76
C VAL A 152 -13.97 3.52 10.79
N GLY A 153 -13.69 3.37 9.50
CA GLY A 153 -14.23 4.25 8.46
C GLY A 153 -15.72 4.06 8.21
N ALA A 154 -16.18 2.81 8.30
CA ALA A 154 -17.60 2.48 8.19
C ALA A 154 -18.39 3.02 9.38
N ALA A 155 -17.81 2.90 10.57
CA ALA A 155 -18.40 3.43 11.79
C ALA A 155 -18.41 4.97 11.80
N TRP A 156 -17.37 5.56 11.23
CA TRP A 156 -17.22 7.02 11.23
C TRP A 156 -18.35 7.75 10.50
N ILE A 157 -18.71 7.28 9.30
CA ILE A 157 -19.70 7.98 8.46
C ILE A 157 -21.17 7.75 8.83
N HIS A 158 -21.42 7.23 10.04
CA HIS A 158 -22.77 7.14 10.58
C HIS A 158 -22.97 8.10 11.75
N VAL A 159 -21.88 8.76 12.15
CA VAL A 159 -21.91 9.73 13.23
C VAL A 159 -21.22 11.04 12.85
N LEU A 160 -20.16 10.94 12.05
CA LEU A 160 -19.34 12.09 11.71
C LEU A 160 -19.14 12.23 10.19
N PRO A 161 -18.93 13.47 9.71
CA PRO A 161 -18.76 13.70 8.28
C PRO A 161 -17.40 13.21 7.75
N TRP A 162 -17.33 12.93 6.45
CA TRP A 162 -16.08 12.49 5.83
C TRP A 162 -14.97 13.54 5.96
N GLU A 163 -15.36 14.81 6.00
CA GLU A 163 -14.42 15.92 6.21
C GLU A 163 -13.62 15.72 7.48
N GLY A 164 -14.30 15.26 8.54
CA GLY A 164 -13.69 15.03 9.84
C GLY A 164 -12.56 14.02 9.82
N MET A 165 -12.66 13.06 8.89
CA MET A 165 -11.61 12.05 8.68
C MET A 165 -10.29 12.70 8.29
N PHE A 166 -10.36 13.64 7.36
CA PHE A 166 -9.18 14.36 6.88
C PHE A 166 -8.60 15.29 7.95
N VAL A 167 -9.46 15.79 8.82
CA VAL A 167 -9.03 16.54 10.00
C VAL A 167 -8.25 15.61 10.93
N LEU A 168 -8.77 14.39 11.13
CA LEU A 168 -8.09 13.38 11.94
C LEU A 168 -6.73 12.97 11.36
N PHE A 169 -6.67 12.82 10.03
CA PHE A 169 -5.41 12.46 9.36
C PHE A 169 -4.38 13.57 9.56
N ALA A 170 -4.81 14.82 9.39
CA ALA A 170 -3.92 15.98 9.55
C ALA A 170 -3.46 16.14 11.00
N ALA A 171 -4.33 15.82 11.95
CA ALA A 171 -4.02 15.93 13.37
C ALA A 171 -2.97 14.90 13.81
N LEU A 172 -3.19 13.64 13.42
CA LEU A 172 -2.23 12.56 13.68
C LEU A 172 -0.89 12.83 13.01
N ALA A 173 -0.93 13.41 11.81
CA ALA A 173 0.28 13.81 11.09
C ALA A 173 0.95 15.02 11.75
N ALA A 174 0.13 15.92 12.31
CA ALA A 174 0.62 17.10 13.03
C ALA A 174 1.37 16.68 14.29
N ILE A 175 0.84 15.68 14.99
CA ILE A 175 1.50 15.10 16.15
C ILE A 175 2.84 14.51 15.74
N SER A 176 2.85 13.77 14.63
CA SER A 176 4.09 13.16 14.12
C SER A 176 5.09 14.19 13.59
N PHE A 177 4.59 15.35 13.17
CA PHE A 177 5.47 16.45 12.73
C PHE A 177 6.30 16.99 13.89
N PHE A 178 5.63 17.31 15.00
CA PHE A 178 6.32 17.85 16.18
C PHE A 178 7.28 16.83 16.79
N GLY A 179 6.89 15.55 16.74
CA GLY A 179 7.72 14.46 17.24
C GLY A 179 8.99 14.26 16.42
N LEU A 180 8.84 14.28 15.10
CA LEU A 180 9.99 14.15 14.20
C LEU A 180 10.89 15.38 14.24
N GLN A 181 10.29 16.56 14.38
CA GLN A 181 11.03 17.83 14.44
C GLN A 181 12.03 17.85 15.59
N ARG A 182 11.65 17.28 16.73
CA ARG A 182 12.53 17.19 17.88
C ARG A 182 13.52 16.01 17.80
N ALA A 183 13.04 14.87 17.32
CA ALA A 183 13.79 13.61 17.46
C ALA A 183 14.58 13.09 16.25
N MET A 184 14.19 13.49 15.04
CA MET A 184 14.88 12.98 13.84
C MET A 184 16.31 13.50 13.70
N PRO A 185 17.28 12.58 13.51
CA PRO A 185 18.65 12.99 13.22
C PRO A 185 18.81 13.41 11.77
N GLU A 186 19.91 14.09 11.47
CA GLU A 186 20.25 14.39 10.09
C GLU A 186 21.32 13.42 9.62
N THR A 187 20.93 12.46 8.80
CA THR A 187 21.81 11.38 8.39
C THR A 187 22.14 11.34 6.88
N ALA A 188 21.92 12.47 6.21
CA ALA A 188 22.27 12.59 4.80
C ALA A 188 23.78 12.73 4.64
N THR A 189 24.37 11.83 3.87
CA THR A 189 25.83 11.73 3.73
C THR A 189 26.40 12.48 2.52
N ARG A 190 25.53 13.17 1.80
CA ARG A 190 25.94 13.89 0.59
C ARG A 190 25.45 15.34 0.54
N ILE A 191 25.33 15.95 1.72
CA ILE A 191 24.88 17.35 1.83
C ILE A 191 25.86 18.27 1.09
N GLY A 192 25.33 19.04 0.14
CA GLY A 192 26.12 19.99 -0.63
C GLY A 192 26.30 19.59 -2.08
N GLU A 193 26.38 18.28 -2.33
CA GLU A 193 26.65 17.74 -3.67
C GLU A 193 25.54 18.05 -4.67
N LYS A 194 25.94 18.21 -5.93
CA LYS A 194 25.00 18.48 -7.02
C LYS A 194 24.24 17.21 -7.41
N LEU A 195 22.98 17.39 -7.82
CA LEU A 195 22.14 16.29 -8.29
C LEU A 195 21.98 16.37 -9.80
N SER A 196 22.18 15.23 -10.46
CA SER A 196 22.11 15.14 -11.91
C SER A 196 21.00 14.19 -12.35
N LEU A 197 19.92 14.76 -12.90
CA LEU A 197 18.76 13.99 -13.36
C LEU A 197 19.12 13.05 -14.52
N LYS A 198 20.01 13.51 -15.40
CA LYS A 198 20.50 12.71 -16.52
C LYS A 198 21.25 11.47 -16.03
N GLU A 199 22.06 11.68 -14.99
CA GLU A 199 22.80 10.60 -14.33
C GLU A 199 21.84 9.62 -13.63
N LEU A 200 20.83 10.17 -12.96
CA LEU A 200 19.82 9.37 -12.24
C LEU A 200 18.91 8.58 -13.18
N GLY A 201 18.64 9.15 -14.35
CA GLY A 201 17.88 8.46 -15.40
C GLY A 201 18.61 7.21 -15.89
N ARG A 202 19.94 7.27 -15.93
CA ARG A 202 20.77 6.15 -16.32
C ARG A 202 20.74 5.02 -15.29
N ASP A 203 20.56 5.38 -14.02
CA ASP A 203 20.44 4.41 -12.93
C ASP A 203 19.16 3.59 -13.04
N TYR A 204 18.07 4.26 -13.40
CA TYR A 204 16.78 3.58 -13.56
C TYR A 204 16.67 2.83 -14.89
N LYS A 205 17.45 3.26 -15.88
CA LYS A 205 17.57 2.54 -17.14
C LYS A 205 18.28 1.20 -16.93
N LEU A 206 19.30 1.21 -16.06
CA LEU A 206 20.09 0.02 -15.75
C LEU A 206 19.32 -1.06 -14.98
N VAL A 207 18.50 -0.65 -14.01
CA VAL A 207 17.69 -1.61 -13.23
C VAL A 207 16.56 -2.24 -14.05
N LEU A 208 15.99 -1.48 -14.99
CA LEU A 208 14.95 -1.99 -15.87
C LEU A 208 15.51 -2.98 -16.90
N LYS A 209 16.82 -2.88 -17.16
CA LYS A 209 17.52 -3.81 -18.03
C LYS A 209 17.75 -5.16 -17.35
N ASN A 210 17.75 -5.16 -16.02
CA ASN A 210 17.87 -6.37 -15.23
C ASN A 210 16.59 -7.21 -15.34
N GLY A 211 16.66 -8.26 -16.16
CA GLY A 211 15.51 -9.09 -16.45
C GLY A 211 14.90 -9.79 -15.26
N ARG A 212 15.76 -10.29 -14.37
CA ARG A 212 15.31 -11.03 -13.19
C ARG A 212 14.65 -10.13 -12.16
N PHE A 213 15.13 -8.88 -12.07
CA PHE A 213 14.56 -7.90 -11.14
C PHE A 213 13.16 -7.48 -11.57
N VAL A 214 13.01 -7.13 -12.84
CA VAL A 214 11.73 -6.66 -13.40
C VAL A 214 10.66 -7.73 -13.28
N ALA A 215 11.03 -8.99 -13.50
CA ALA A 215 10.12 -10.14 -13.35
C ALA A 215 9.54 -10.24 -11.94
N GLY A 216 10.41 -10.12 -10.93
CA GLY A 216 10.00 -10.18 -9.53
C GLY A 216 9.17 -9.00 -9.08
N ALA A 217 9.53 -7.80 -9.57
CA ALA A 217 8.84 -6.56 -9.24
C ALA A 217 7.39 -6.54 -9.76
N LEU A 218 7.21 -6.91 -11.02
CA LEU A 218 5.88 -7.01 -11.63
C LEU A 218 5.03 -8.07 -10.93
N ALA A 219 5.65 -9.19 -10.56
CA ALA A 219 4.97 -10.28 -9.86
C ALA A 219 4.36 -9.83 -8.52
N LEU A 220 5.11 -9.03 -7.76
CA LEU A 220 4.61 -8.41 -6.52
C LEU A 220 3.40 -7.54 -6.78
N GLY A 221 3.43 -6.80 -7.88
CA GLY A 221 2.30 -5.99 -8.32
C GLY A 221 1.09 -6.85 -8.67
N PHE A 222 1.30 -7.84 -9.55
CA PHE A 222 0.21 -8.70 -10.01
C PHE A 222 -0.45 -9.48 -8.88
N VAL A 223 0.35 -9.94 -7.92
CA VAL A 223 -0.13 -10.85 -6.88
C VAL A 223 -0.91 -10.13 -5.78
N SER A 224 -0.63 -8.84 -5.58
CA SER A 224 -1.31 -8.06 -4.55
C SER A 224 -2.48 -7.27 -5.11
N LEU A 225 -2.64 -7.29 -6.43
CA LEU A 225 -3.73 -6.57 -7.09
C LEU A 225 -5.13 -7.03 -6.65
N PRO A 226 -5.36 -8.36 -6.52
CA PRO A 226 -6.66 -8.79 -6.02
C PRO A 226 -7.01 -8.21 -4.65
N LEU A 227 -6.03 -8.19 -3.74
CA LEU A 227 -6.21 -7.63 -2.40
C LEU A 227 -6.46 -6.12 -2.46
N LEU A 228 -5.72 -5.42 -3.32
CA LEU A 228 -5.84 -3.99 -3.52
C LEU A 228 -7.15 -3.63 -4.23
N ALA A 229 -7.57 -4.49 -5.15
CA ALA A 229 -8.83 -4.30 -5.88
C ALA A 229 -10.01 -4.47 -4.95
N TRP A 230 -9.91 -5.44 -4.03
CA TRP A 230 -10.93 -5.66 -3.02
C TRP A 230 -11.06 -4.45 -2.09
N THR A 231 -9.94 -3.94 -1.61
CA THR A 231 -9.92 -2.75 -0.76
C THR A 231 -10.59 -1.57 -1.47
N ALA A 232 -10.32 -1.41 -2.77
CA ALA A 232 -10.85 -0.31 -3.55
C ALA A 232 -12.36 -0.42 -3.82
N GLN A 233 -12.84 -1.66 -3.99
CA GLN A 233 -14.18 -1.86 -4.52
C GLN A 233 -15.17 -2.55 -3.59
N SER A 234 -14.69 -3.10 -2.47
CA SER A 234 -15.59 -3.78 -1.51
C SER A 234 -16.75 -2.90 -1.02
N PRO A 235 -16.54 -1.56 -0.90
CA PRO A 235 -17.68 -0.71 -0.54
C PRO A 235 -18.78 -0.69 -1.61
N ILE A 236 -18.39 -0.77 -2.89
CA ILE A 236 -19.37 -0.78 -3.97
C ILE A 236 -19.86 -2.18 -4.36
N ILE A 237 -19.08 -3.21 -4.05
CA ILE A 237 -19.50 -4.60 -4.24
C ILE A 237 -20.53 -5.02 -3.18
N ILE A 238 -20.25 -4.73 -1.91
CA ILE A 238 -21.07 -5.20 -0.80
C ILE A 238 -22.31 -4.33 -0.56
N ILE A 239 -22.10 -3.02 -0.44
CA ILE A 239 -23.17 -2.10 -0.07
C ILE A 239 -24.07 -1.74 -1.26
N THR A 240 -23.52 -1.15 -2.30
CA THR A 240 -24.32 -0.81 -3.49
C THR A 240 -24.54 -1.98 -4.45
N GLY A 241 -23.59 -2.91 -4.51
CA GLY A 241 -23.72 -4.10 -5.36
C GLY A 241 -24.64 -5.16 -4.78
N GLU A 242 -24.28 -5.68 -3.60
CA GLU A 242 -25.05 -6.76 -2.97
C GLU A 242 -26.25 -6.27 -2.15
N GLN A 243 -26.40 -4.95 -2.04
CA GLN A 243 -27.51 -4.32 -1.31
C GLN A 243 -27.44 -4.58 0.19
N LEU A 244 -26.22 -4.77 0.69
CA LEU A 244 -25.97 -5.04 2.11
C LEU A 244 -25.62 -3.76 2.88
N SER A 245 -25.36 -3.89 4.18
CA SER A 245 -25.05 -2.74 5.02
C SER A 245 -23.57 -2.62 5.37
N SER A 246 -23.25 -1.64 6.21
CA SER A 246 -21.89 -1.39 6.67
C SER A 246 -21.36 -2.54 7.52
N TYR A 247 -22.24 -3.14 8.32
CA TYR A 247 -21.89 -4.27 9.16
C TYR A 247 -21.31 -5.42 8.34
N GLU A 248 -22.03 -5.85 7.31
CA GLU A 248 -21.55 -6.92 6.41
C GLU A 248 -20.25 -6.52 5.76
N TYR A 249 -20.21 -5.31 5.19
CA TYR A 249 -19.00 -4.75 4.59
C TYR A 249 -17.81 -4.92 5.52
N GLY A 250 -17.92 -4.38 6.73
CA GLY A 250 -16.87 -4.48 7.75
C GLY A 250 -16.59 -5.91 8.20
N LEU A 251 -17.64 -6.71 8.38
CA LEU A 251 -17.47 -8.10 8.81
C LEU A 251 -16.63 -8.90 7.83
N LEU A 252 -16.86 -8.69 6.54
CA LEU A 252 -16.17 -9.42 5.48
C LEU A 252 -14.68 -9.05 5.33
N GLN A 253 -14.28 -7.94 5.95
CA GLN A 253 -12.87 -7.56 6.01
C GLN A 253 -12.08 -8.42 7.01
N VAL A 254 -12.78 -8.93 8.03
CA VAL A 254 -12.16 -9.70 9.10
C VAL A 254 -11.52 -11.01 8.60
N PRO A 255 -12.27 -11.85 7.86
CA PRO A 255 -11.62 -13.09 7.42
C PRO A 255 -10.51 -12.87 6.38
N ILE A 256 -10.63 -11.81 5.59
CA ILE A 256 -9.65 -11.54 4.53
C ILE A 256 -8.36 -10.97 5.10
N PHE A 257 -8.46 -9.87 5.84
CA PHE A 257 -7.28 -9.26 6.42
C PHE A 257 -6.79 -9.96 7.69
N GLY A 258 -7.67 -10.75 8.30
CA GLY A 258 -7.28 -11.67 9.36
C GLY A 258 -6.43 -12.77 8.78
N ALA A 259 -6.85 -13.31 7.63
CA ALA A 259 -6.09 -14.33 6.92
C ALA A 259 -4.71 -13.83 6.49
N LEU A 260 -4.62 -12.56 6.11
CA LEU A 260 -3.34 -11.93 5.77
C LEU A 260 -2.40 -11.99 6.96
N ILE A 261 -2.89 -11.52 8.12
CA ILE A 261 -2.12 -11.52 9.36
C ILE A 261 -1.69 -12.94 9.74
N ALA A 262 -2.62 -13.89 9.61
CA ALA A 262 -2.34 -15.31 9.90
C ALA A 262 -1.22 -15.85 9.02
N GLY A 263 -1.20 -15.42 7.75
CA GLY A 263 -0.15 -15.78 6.80
C GLY A 263 1.21 -15.22 7.19
N ASN A 264 1.22 -14.03 7.77
CA ASN A 264 2.45 -13.41 8.24
C ASN A 264 2.99 -14.02 9.53
N LEU A 265 2.10 -14.34 10.46
CA LEU A 265 2.48 -14.97 11.73
C LEU A 265 3.08 -16.36 11.52
N LEU A 266 2.51 -17.12 10.57
CA LEU A 266 3.05 -18.43 10.21
C LEU A 266 4.41 -18.29 9.53
N LEU A 267 4.53 -17.32 8.63
CA LEU A 267 5.80 -17.00 7.98
C LEU A 267 6.88 -16.73 9.02
N ALA A 268 6.53 -15.97 10.05
CA ALA A 268 7.44 -15.65 11.15
C ALA A 268 7.95 -16.92 11.85
N ARG A 269 7.05 -17.87 12.07
CA ARG A 269 7.39 -19.14 12.72
C ARG A 269 8.23 -20.04 11.80
N LEU A 270 7.81 -20.15 10.55
CA LEU A 270 8.44 -21.04 9.57
C LEU A 270 9.75 -20.53 8.94
N THR A 271 10.11 -19.27 9.24
CA THR A 271 11.22 -18.59 8.55
C THR A 271 12.60 -19.23 8.76
N SER A 272 12.85 -19.74 9.96
CA SER A 272 14.16 -20.30 10.31
C SER A 272 14.40 -21.67 9.66
N ARG A 273 13.32 -22.30 9.20
CA ARG A 273 13.38 -23.67 8.68
C ARG A 273 12.91 -23.80 7.24
N ARG A 274 12.68 -22.66 6.60
CA ARG A 274 12.30 -22.60 5.19
C ARG A 274 13.06 -21.51 4.45
N THR A 275 13.56 -21.83 3.25
CA THR A 275 14.15 -20.81 2.39
C THR A 275 13.04 -19.90 1.87
N VAL A 276 13.45 -18.78 1.29
CA VAL A 276 12.51 -17.83 0.73
C VAL A 276 11.65 -18.47 -0.38
N ARG A 277 12.30 -19.14 -1.33
CA ARG A 277 11.58 -19.69 -2.49
C ARG A 277 10.62 -20.84 -2.17
N SER A 278 10.93 -21.61 -1.13
CA SER A 278 10.04 -22.69 -0.69
C SER A 278 8.76 -22.13 -0.07
N LEU A 279 8.87 -20.97 0.58
CA LEU A 279 7.72 -20.27 1.16
C LEU A 279 6.84 -19.65 0.07
N ILE A 280 7.47 -19.28 -1.04
CA ILE A 280 6.76 -18.75 -2.21
C ILE A 280 5.94 -19.85 -2.88
N ILE A 281 6.53 -21.04 -2.99
CA ILE A 281 5.84 -22.22 -3.52
C ILE A 281 4.76 -22.68 -2.54
N MET A 282 5.10 -22.67 -1.25
CA MET A 282 4.18 -23.03 -0.17
C MET A 282 2.94 -22.13 -0.18
N GLY A 283 3.18 -20.81 -0.23
CA GLY A 283 2.10 -19.83 -0.24
C GLY A 283 1.36 -19.77 -1.57
N GLY A 284 2.01 -20.24 -2.63
CA GLY A 284 1.43 -20.28 -3.97
C GLY A 284 0.16 -21.09 -4.07
N TRP A 285 0.12 -22.21 -3.32
CA TRP A 285 -1.07 -23.07 -3.25
C TRP A 285 -2.33 -22.34 -2.77
N PRO A 286 -2.31 -21.77 -1.53
CA PRO A 286 -3.48 -20.99 -1.11
C PRO A 286 -3.80 -19.78 -2.00
N ILE A 287 -2.77 -19.18 -2.63
CA ILE A 287 -3.00 -18.06 -3.55
C ILE A 287 -3.83 -18.51 -4.76
N MET A 288 -3.36 -19.54 -5.45
CA MET A 288 -4.01 -20.03 -6.66
C MET A 288 -5.40 -20.62 -6.38
N ILE A 289 -5.47 -21.54 -5.42
CA ILE A 289 -6.73 -22.18 -5.04
C ILE A 289 -7.75 -21.12 -4.60
N GLY A 290 -7.30 -20.15 -3.81
CA GLY A 290 -8.14 -19.07 -3.32
C GLY A 290 -8.76 -18.25 -4.43
N LEU A 291 -7.92 -17.75 -5.33
CA LEU A 291 -8.38 -16.99 -6.49
C LEU A 291 -9.24 -17.82 -7.44
N LEU A 292 -8.91 -19.11 -7.58
CA LEU A 292 -9.65 -20.01 -8.44
C LEU A 292 -11.05 -20.29 -7.89
N VAL A 293 -11.15 -20.47 -6.57
CA VAL A 293 -12.43 -20.70 -5.89
C VAL A 293 -13.34 -19.47 -6.01
N ALA A 294 -12.76 -18.28 -5.78
CA ALA A 294 -13.49 -17.02 -5.88
C ALA A 294 -14.02 -16.79 -7.30
N ALA A 295 -13.21 -17.15 -8.30
CA ALA A 295 -13.60 -17.06 -9.70
C ALA A 295 -14.70 -18.07 -10.05
N ALA A 296 -14.41 -19.36 -9.89
CA ALA A 296 -15.37 -20.43 -10.17
C ALA A 296 -16.74 -20.19 -9.51
N ALA A 297 -16.72 -19.76 -8.25
CA ALA A 297 -17.93 -19.53 -7.48
C ALA A 297 -18.83 -18.43 -8.05
N THR A 298 -18.24 -17.29 -8.38
CA THR A 298 -19.01 -16.13 -8.86
C THR A 298 -19.27 -16.13 -10.37
N VAL A 299 -18.68 -17.09 -11.08
CA VAL A 299 -19.03 -17.32 -12.48
C VAL A 299 -20.31 -18.15 -12.56
N ILE A 300 -20.35 -19.24 -11.79
CA ILE A 300 -21.53 -20.09 -11.74
C ILE A 300 -22.67 -19.44 -10.94
N SER A 301 -22.31 -18.58 -10.00
CA SER A 301 -23.28 -17.92 -9.13
C SER A 301 -22.83 -16.50 -8.80
N SER A 302 -23.31 -15.53 -9.58
CA SER A 302 -22.91 -14.14 -9.52
C SER A 302 -22.90 -13.50 -8.12
N HIS A 303 -23.89 -13.84 -7.29
CA HIS A 303 -24.05 -13.19 -5.99
C HIS A 303 -23.54 -14.02 -4.80
N ALA A 304 -22.66 -14.98 -5.09
CA ALA A 304 -22.05 -15.80 -4.05
C ALA A 304 -20.89 -15.04 -3.40
N TYR A 305 -21.24 -14.05 -2.56
CA TYR A 305 -20.25 -13.17 -1.97
C TYR A 305 -19.48 -13.78 -0.80
N LEU A 306 -20.09 -14.77 -0.13
CA LEU A 306 -19.41 -15.50 0.94
C LEU A 306 -18.34 -16.45 0.40
N TRP A 307 -18.64 -17.10 -0.72
CA TRP A 307 -17.66 -17.92 -1.44
C TRP A 307 -16.52 -17.07 -1.99
N MET A 308 -16.86 -15.88 -2.47
CA MET A 308 -15.86 -14.89 -2.90
C MET A 308 -14.97 -14.46 -1.73
N THR A 309 -15.60 -14.15 -0.60
CA THR A 309 -14.88 -13.75 0.62
C THR A 309 -13.94 -14.86 1.11
N ALA A 310 -14.44 -16.09 1.10
CA ALA A 310 -13.66 -17.26 1.49
C ALA A 310 -12.49 -17.46 0.54
N GLY A 311 -12.72 -17.23 -0.76
CA GLY A 311 -11.68 -17.33 -1.77
C GLY A 311 -10.58 -16.32 -1.59
N LEU A 312 -10.96 -15.07 -1.30
CA LEU A 312 -10.02 -13.99 -1.03
C LEU A 312 -9.26 -14.18 0.28
N SER A 313 -9.91 -14.82 1.26
CA SER A 313 -9.28 -15.14 2.53
C SER A 313 -8.15 -16.17 2.37
N ILE A 314 -8.47 -17.29 1.71
CA ILE A 314 -7.47 -18.31 1.38
C ILE A 314 -6.33 -17.70 0.55
N TYR A 315 -6.69 -16.85 -0.42
CA TYR A 315 -5.71 -16.12 -1.22
C TYR A 315 -4.83 -15.22 -0.34
N ALA A 316 -5.48 -14.45 0.55
CA ALA A 316 -4.78 -13.52 1.44
C ALA A 316 -3.78 -14.22 2.36
N PHE A 317 -4.17 -15.38 2.88
CA PHE A 317 -3.26 -16.22 3.68
C PHE A 317 -2.00 -16.55 2.90
N GLY A 318 -2.16 -16.90 1.62
CA GLY A 318 -1.03 -17.15 0.72
C GLY A 318 -0.13 -15.93 0.55
N ILE A 319 -0.73 -14.76 0.40
CA ILE A 319 0.01 -13.49 0.25
C ILE A 319 0.87 -13.18 1.46
N GLY A 320 0.32 -13.36 2.66
CA GLY A 320 1.03 -13.07 3.90
C GLY A 320 2.22 -13.98 4.08
N LEU A 321 2.11 -15.17 3.51
CA LEU A 321 3.13 -16.21 3.63
C LEU A 321 4.23 -16.07 2.56
N ALA A 322 3.87 -15.50 1.41
CA ALA A 322 4.77 -15.45 0.25
C ALA A 322 5.42 -14.10 -0.05
N ASN A 323 4.68 -13.01 0.17
CA ASN A 323 5.14 -11.66 -0.24
C ASN A 323 6.45 -11.18 0.36
N ALA A 324 6.56 -11.22 1.69
CA ALA A 324 7.78 -10.78 2.36
C ALA A 324 9.03 -11.45 1.77
N GLY A 325 8.92 -12.73 1.45
CA GLY A 325 9.99 -13.47 0.79
C GLY A 325 10.29 -12.97 -0.61
N LEU A 326 9.25 -12.73 -1.41
CA LEU A 326 9.42 -12.24 -2.77
C LEU A 326 9.99 -10.81 -2.81
N VAL A 327 9.63 -9.99 -1.81
CA VAL A 327 10.21 -8.65 -1.65
C VAL A 327 11.72 -8.78 -1.44
N ARG A 328 12.11 -9.71 -0.59
CA ARG A 328 13.53 -9.94 -0.29
C ARG A 328 14.33 -10.38 -1.52
N LEU A 329 13.82 -11.38 -2.24
CA LEU A 329 14.47 -11.88 -3.45
C LEU A 329 14.57 -10.85 -4.57
N THR A 330 13.55 -10.00 -4.72
CA THR A 330 13.54 -8.94 -5.72
C THR A 330 14.57 -7.86 -5.41
N LEU A 331 14.69 -7.50 -4.14
CA LEU A 331 15.71 -6.54 -3.68
C LEU A 331 17.12 -6.99 -4.01
N PHE A 332 17.38 -8.28 -3.80
CA PHE A 332 18.71 -8.86 -4.01
C PHE A 332 18.88 -9.46 -5.42
N ALA A 333 17.88 -9.27 -6.28
CA ALA A 333 17.96 -9.70 -7.67
C ALA A 333 18.72 -8.67 -8.51
N SER A 334 18.89 -7.47 -7.95
CA SER A 334 19.66 -6.41 -8.56
C SER A 334 20.77 -5.95 -7.61
N ASP A 335 22.01 -6.15 -8.04
CA ASP A 335 23.17 -5.74 -7.25
C ASP A 335 23.47 -4.26 -7.51
N MET A 336 22.54 -3.41 -7.10
CA MET A 336 22.62 -1.97 -7.30
C MET A 336 22.10 -1.25 -6.06
N SER A 337 22.39 0.04 -5.95
CA SER A 337 21.99 0.88 -4.82
C SER A 337 20.59 0.53 -4.30
N LYS A 338 20.50 0.24 -2.99
CA LYS A 338 19.24 -0.18 -2.35
C LYS A 338 18.15 0.88 -2.45
N GLY A 339 18.55 2.16 -2.49
CA GLY A 339 17.62 3.27 -2.68
C GLY A 339 16.97 3.24 -4.04
N THR A 340 17.76 2.98 -5.08
CA THR A 340 17.27 2.90 -6.45
C THR A 340 16.39 1.66 -6.67
N VAL A 341 16.84 0.52 -6.14
CA VAL A 341 16.10 -0.74 -6.25
C VAL A 341 14.73 -0.67 -5.56
N SER A 342 14.71 -0.18 -4.32
CA SER A 342 13.46 -0.03 -3.56
C SER A 342 12.48 0.92 -4.24
N ALA A 343 12.97 2.08 -4.66
CA ALA A 343 12.14 3.07 -5.36
C ALA A 343 11.60 2.49 -6.66
N ALA A 344 12.43 1.75 -7.39
CA ALA A 344 12.06 1.13 -8.66
C ALA A 344 10.91 0.16 -8.49
N MET A 345 11.04 -0.78 -7.54
CA MET A 345 10.01 -1.80 -7.33
C MET A 345 8.75 -1.27 -6.65
N GLU A 346 8.91 -0.23 -5.84
CA GLU A 346 7.77 0.46 -5.25
C GLU A 346 6.99 1.16 -6.34
N MET A 347 7.73 1.79 -7.26
CA MET A 347 7.17 2.51 -8.40
C MET A 347 6.51 1.56 -9.39
N LEU A 348 7.22 0.48 -9.73
CA LEU A 348 6.76 -0.51 -10.71
C LEU A 348 5.49 -1.23 -10.29
N GLN A 349 5.45 -1.71 -9.05
CA GLN A 349 4.30 -2.47 -8.55
C GLN A 349 3.06 -1.58 -8.35
N MET A 350 3.29 -0.29 -8.12
CA MET A 350 2.18 0.65 -7.98
C MET A 350 1.62 1.10 -9.32
N LEU A 351 2.43 1.00 -10.37
CA LEU A 351 1.94 1.17 -11.74
C LEU A 351 0.90 0.08 -12.05
N ILE A 352 1.14 -1.12 -11.53
CA ILE A 352 0.22 -2.24 -11.69
C ILE A 352 -1.06 -2.07 -10.88
N PHE A 353 -0.93 -1.53 -9.66
CA PHE A 353 -2.09 -1.30 -8.79
C PHE A 353 -3.01 -0.26 -9.40
N THR A 354 -2.44 0.85 -9.85
CA THR A 354 -3.22 1.96 -10.39
C THR A 354 -3.95 1.58 -11.67
N VAL A 355 -3.21 1.00 -12.63
CA VAL A 355 -3.82 0.54 -13.88
C VAL A 355 -4.80 -0.58 -13.59
N GLY A 356 -4.40 -1.49 -12.69
CA GLY A 356 -5.17 -2.69 -12.36
C GLY A 356 -6.50 -2.45 -11.67
N ILE A 357 -6.53 -1.48 -10.76
CA ILE A 357 -7.78 -1.11 -10.07
C ILE A 357 -8.78 -0.52 -11.06
N GLU A 358 -8.26 0.22 -12.05
CA GLU A 358 -9.08 0.83 -13.10
C GLU A 358 -9.68 -0.20 -14.06
N ILE A 359 -8.89 -1.20 -14.45
CA ILE A 359 -9.39 -2.32 -15.26
C ILE A 359 -10.34 -3.17 -14.40
N SER A 360 -9.96 -3.37 -13.14
CA SER A 360 -10.78 -4.09 -12.16
C SER A 360 -12.17 -3.46 -12.05
N LYS A 361 -12.20 -2.14 -11.91
CA LYS A 361 -13.45 -1.38 -11.80
C LYS A 361 -14.35 -1.63 -13.01
N HIS A 362 -13.80 -1.46 -14.21
CA HIS A 362 -14.54 -1.70 -15.44
C HIS A 362 -15.00 -3.14 -15.59
N ALA A 363 -14.18 -4.08 -15.10
CA ALA A 363 -14.56 -5.48 -15.06
C ALA A 363 -15.84 -5.68 -14.22
N TRP A 364 -15.89 -5.04 -13.05
CA TRP A 364 -17.06 -5.16 -12.17
C TRP A 364 -18.28 -4.41 -12.67
N LEU A 365 -18.09 -3.22 -13.23
CA LEU A 365 -19.20 -2.43 -13.77
C LEU A 365 -19.86 -3.13 -14.96
N ASN A 366 -19.06 -3.78 -15.79
CA ASN A 366 -19.55 -4.43 -17.01
C ASN A 366 -19.93 -5.90 -16.84
N GLY A 367 -19.47 -6.53 -15.75
CA GLY A 367 -19.68 -7.97 -15.56
C GLY A 367 -19.91 -8.45 -14.13
N GLY A 368 -19.86 -7.53 -13.17
CA GLY A 368 -20.12 -7.86 -11.77
C GLY A 368 -19.02 -8.67 -11.11
N ASN A 369 -19.40 -9.45 -10.09
CA ASN A 369 -18.47 -10.24 -9.28
C ASN A 369 -17.67 -11.28 -10.05
N GLY A 370 -18.31 -11.91 -11.04
CA GLY A 370 -17.66 -12.93 -11.86
C GLY A 370 -16.45 -12.38 -12.58
N LEU A 371 -16.64 -11.24 -13.24
CA LEU A 371 -15.58 -10.62 -14.04
C LEU A 371 -14.55 -9.89 -13.17
N PHE A 372 -15.00 -9.44 -11.99
CA PHE A 372 -14.09 -8.90 -10.98
C PHE A 372 -13.10 -9.99 -10.53
N ASN A 373 -13.63 -11.15 -10.15
CA ASN A 373 -12.81 -12.27 -9.68
C ASN A 373 -11.95 -12.92 -10.77
N LEU A 374 -12.52 -13.08 -11.98
CA LEU A 374 -11.77 -13.62 -13.13
C LEU A 374 -10.54 -12.78 -13.48
N PHE A 375 -10.67 -11.46 -13.36
CA PHE A 375 -9.55 -10.56 -13.60
C PHE A 375 -8.47 -10.75 -12.54
N ASN A 376 -8.91 -10.98 -11.29
CA ASN A 376 -8.01 -11.29 -10.19
C ASN A 376 -7.30 -12.63 -10.39
N LEU A 377 -8.00 -13.60 -10.99
CA LEU A 377 -7.40 -14.89 -11.32
C LEU A 377 -6.29 -14.76 -12.36
N VAL A 378 -6.52 -13.94 -13.40
CA VAL A 378 -5.51 -13.66 -14.41
C VAL A 378 -4.25 -13.13 -13.75
N ASN A 379 -4.42 -12.21 -12.80
CA ASN A 379 -3.31 -11.60 -12.08
C ASN A 379 -2.49 -12.61 -11.29
N GLY A 380 -3.18 -13.54 -10.62
CA GLY A 380 -2.53 -14.67 -9.96
C GLY A 380 -1.76 -15.52 -10.94
N ILE A 381 -2.38 -15.85 -12.07
CA ILE A 381 -1.73 -16.63 -13.13
C ILE A 381 -0.49 -15.92 -13.69
N LEU A 382 -0.56 -14.60 -13.84
CA LEU A 382 0.58 -13.80 -14.29
C LEU A 382 1.71 -13.77 -13.26
N TRP A 383 1.36 -13.78 -11.98
CA TRP A 383 2.34 -13.92 -10.90
C TRP A 383 2.98 -15.30 -10.93
N LEU A 384 2.17 -16.33 -11.18
CA LEU A 384 2.64 -17.70 -11.24
C LEU A 384 3.52 -17.93 -12.48
N SER A 385 3.11 -17.35 -13.61
CA SER A 385 3.88 -17.42 -14.84
C SER A 385 5.27 -16.83 -14.64
N LEU A 386 5.33 -15.72 -13.90
CA LEU A 386 6.60 -15.06 -13.60
C LEU A 386 7.43 -15.84 -12.58
N MET A 387 6.77 -16.58 -11.70
CA MET A 387 7.48 -17.36 -10.67
C MET A 387 8.24 -18.54 -11.22
N VAL A 388 7.70 -19.21 -12.22
CA VAL A 388 8.39 -20.37 -12.83
C VAL A 388 9.68 -19.96 -13.55
N ILE A 389 9.71 -18.75 -14.10
CA ILE A 389 10.94 -18.15 -14.63
C ILE A 389 11.82 -17.68 -13.48
N PHE A 390 11.27 -16.81 -12.62
CA PHE A 390 12.01 -16.17 -11.53
C PHE A 390 12.66 -17.16 -10.56
N LEU A 391 12.06 -18.34 -10.41
CA LEU A 391 12.54 -19.36 -9.47
C LEU A 391 13.27 -20.51 -10.15
N LYS A 392 12.77 -20.95 -11.29
CA LYS A 392 13.34 -22.10 -12.01
C LYS A 392 13.74 -21.73 -13.44
C14 KHJ B . 1.97 2.57 0.06
N2 KHJ B . 1.74 1.12 0.04
C12 KHJ B . 1.76 0.47 -1.13
C8 KHJ B . 1.56 -0.91 -1.18
C4 KHJ B . 1.32 -1.61 0.01
C6 KHJ B . 1.31 -0.90 1.21
C10 KHJ B . 1.53 0.47 1.20
C3 KHJ B . 1.11 -2.99 0.01
C5 KHJ B . 1.11 -3.73 -1.17
C9 KHJ B . 0.89 -5.11 -1.11
C7 KHJ B . 0.87 -3.66 1.21
C11 KHJ B . 0.67 -5.03 1.21
N1 KHJ B . 0.67 -5.72 0.06
C13 KHJ B . 0.45 -7.17 0.11
PR PR C . 24.32 6.75 -9.13
PR PR D . 26.87 6.87 -12.67
#